data_2BJ6
#
_entry.id   2BJ6
#
_cell.length_a   113.910
_cell.length_b   113.910
_cell.length_c   55.370
_cell.angle_alpha   90.00
_cell.angle_beta   90.00
_cell.angle_gamma   90.00
#
_symmetry.space_group_name_H-M   'P 41 21 2'
#
loop_
_entity.id
_entity.type
_entity.pdbx_description
1 polymer 'SYNTHETIC HNA'
2 polymer "5'-R(*GP*GP*CP*AP*UP*UP*AP*CP*GP*GP)-3'"
3 non-polymer 'SULFATE ION'
4 water water
#
loop_
_entity_poly.entity_id
_entity_poly.type
_entity_poly.pdbx_seq_one_letter_code
_entity_poly.pdbx_strand_id
1 'polydeoxyribonucleotide' (6HC)(6HC)(6HG)(6HT)(6HA)(6HA)(6HT)(6HG)(6HC)(6HC) A,B,C,D
2 'polyribonucleotide' GGCAUUACGG E,F,G,H
#